data_3K9P
#
_entry.id   3K9P
#
_cell.length_a   43.554
_cell.length_b   50.974
_cell.length_c   63.906
_cell.angle_alpha   90.00
_cell.angle_beta   102.62
_cell.angle_gamma   90.00
#
_symmetry.space_group_name_H-M   'P 1 21 1'
#
loop_
_entity.id
_entity.type
_entity.pdbx_description
1 polymer 'Ubiquitin-conjugating enzyme E2 K'
2 polymer Ubiquitin
#
loop_
_entity_poly.entity_id
_entity_poly.type
_entity_poly.pdbx_seq_one_letter_code
_entity_poly.pdbx_strand_id
1 'polypeptide(L)'
;GSHMASMTGGQQMGRGSMANIAVQRIKREFKEVLKSEETSKNQIKVDLVDENFTELRGEIAGPPDTPYEGGRYQLEIKIP
ETYPFNPPKVRFITKIWHPNISSVTGAICLDILKDQWAAAMTLRTVLLSLQALLAAAEPDDPQDAVVANQYKQNPEMFKQ
TARLWAHVYAGAPVSSPEYTKKIENLCAMGFDRNAVIVALSSKSWDVETATELLLSN
;
A
2 'polypeptide(L)' GSHMQIFVKTLTGKTITLEVEPSDTIENVKAKIQDKEGIPPDQQRLIFAGKQLEDGRTLSDYNIQKESTLHLVLRLRGG B
#
# COMPACT_ATOMS: atom_id res chain seq x y z
N MET A 18 -7.51 9.73 -33.79
CA MET A 18 -6.64 8.53 -33.98
C MET A 18 -5.21 8.95 -34.33
N ALA A 19 -4.47 9.46 -33.36
CA ALA A 19 -3.09 9.90 -33.57
C ALA A 19 -2.04 8.87 -33.21
N ASN A 20 -2.46 7.62 -33.07
CA ASN A 20 -1.54 6.55 -32.70
C ASN A 20 -0.79 6.00 -33.89
N ILE A 21 0.41 6.54 -34.11
CA ILE A 21 1.29 6.14 -35.19
C ILE A 21 1.30 4.65 -35.55
N ALA A 22 2.16 3.88 -34.87
CA ALA A 22 2.31 2.45 -35.13
C ALA A 22 1.43 1.46 -34.37
N VAL A 23 0.20 1.29 -34.82
CA VAL A 23 -0.73 0.33 -34.23
C VAL A 23 -0.30 -0.99 -34.84
N GLN A 24 0.67 -0.90 -35.75
CA GLN A 24 1.22 -2.05 -36.45
C GLN A 24 2.64 -2.24 -35.98
N ARG A 25 2.77 -2.63 -34.74
CA ARG A 25 4.08 -2.89 -34.15
C ARG A 25 3.68 -3.45 -32.82
N ILE A 26 2.73 -2.75 -32.21
CA ILE A 26 2.19 -3.15 -30.93
C ILE A 26 1.62 -4.52 -31.21
N LYS A 27 1.04 -4.63 -32.40
CA LYS A 27 0.44 -5.87 -32.87
C LYS A 27 1.55 -6.90 -33.06
N ARG A 28 2.66 -6.51 -33.69
CA ARG A 28 3.75 -7.45 -33.89
C ARG A 28 4.37 -7.80 -32.54
N GLU A 29 4.69 -6.78 -31.74
CA GLU A 29 5.30 -7.00 -30.44
C GLU A 29 4.34 -7.72 -29.51
N PHE A 30 3.05 -7.66 -29.85
CA PHE A 30 2.05 -8.34 -29.06
C PHE A 30 2.14 -9.83 -29.40
N LYS A 31 2.27 -10.16 -30.68
CA LYS A 31 2.42 -11.56 -31.06
C LYS A 31 3.65 -12.06 -30.31
N GLU A 32 4.76 -11.40 -30.60
CA GLU A 32 6.08 -11.68 -30.02
C GLU A 32 6.02 -12.15 -28.59
N VAL A 33 5.34 -11.38 -27.75
CA VAL A 33 5.22 -11.74 -26.35
C VAL A 33 4.47 -13.06 -26.17
N LEU A 34 3.32 -13.22 -26.82
CA LEU A 34 2.51 -14.43 -26.71
C LEU A 34 3.29 -15.65 -27.18
N LYS A 35 4.03 -15.49 -28.26
CA LYS A 35 4.80 -16.59 -28.81
C LYS A 35 6.17 -16.80 -28.13
N SER A 36 6.46 -16.03 -27.08
CA SER A 36 7.74 -16.15 -26.38
C SER A 36 7.77 -17.36 -25.45
N GLU A 37 8.98 -17.82 -25.14
CA GLU A 37 9.20 -18.97 -24.27
C GLU A 37 8.88 -18.60 -22.84
N GLU A 38 8.89 -17.31 -22.56
CA GLU A 38 8.59 -16.85 -21.22
C GLU A 38 7.12 -17.15 -20.91
N THR A 39 6.25 -16.90 -21.88
CA THR A 39 4.81 -17.11 -21.70
C THR A 39 4.44 -18.57 -21.46
N SER A 40 5.15 -19.49 -22.13
CA SER A 40 4.89 -20.91 -21.93
C SER A 40 5.54 -21.28 -20.59
N LYS A 41 6.65 -20.61 -20.28
CA LYS A 41 7.34 -20.83 -19.00
C LYS A 41 6.54 -20.13 -17.89
N ASN A 42 5.44 -19.49 -18.30
CA ASN A 42 4.52 -18.80 -17.39
C ASN A 42 5.10 -17.71 -16.51
N GLN A 43 6.06 -16.96 -17.04
CA GLN A 43 6.72 -15.87 -16.32
C GLN A 43 6.04 -14.53 -16.64
N ILE A 44 5.70 -14.34 -17.91
CA ILE A 44 5.07 -13.10 -18.39
C ILE A 44 3.95 -13.42 -19.39
N LYS A 45 2.96 -12.53 -19.49
CA LYS A 45 1.86 -12.72 -20.41
C LYS A 45 1.20 -11.37 -20.64
N VAL A 46 0.50 -11.20 -21.75
CA VAL A 46 -0.14 -9.92 -22.04
C VAL A 46 -1.55 -10.07 -22.59
N ASP A 47 -2.37 -9.02 -22.39
CA ASP A 47 -3.76 -9.03 -22.85
C ASP A 47 -4.21 -7.63 -23.29
N LEU A 48 -5.10 -7.58 -24.27
CA LEU A 48 -5.62 -6.31 -24.81
C LEU A 48 -6.76 -5.74 -23.98
N VAL A 49 -6.89 -4.41 -23.91
CA VAL A 49 -7.99 -3.83 -23.14
C VAL A 49 -8.93 -3.03 -24.04
N ASP A 50 -8.37 -2.19 -24.91
CA ASP A 50 -9.18 -1.38 -25.83
C ASP A 50 -8.96 -1.73 -27.32
N GLU A 51 -10.03 -1.56 -28.10
CA GLU A 51 -10.02 -1.87 -29.54
C GLU A 51 -8.78 -1.37 -30.28
N ASN A 52 -8.67 -0.05 -30.34
CA ASN A 52 -7.60 0.68 -31.01
C ASN A 52 -6.17 0.19 -30.79
N PHE A 53 -5.92 -0.49 -29.68
CA PHE A 53 -4.59 -0.99 -29.35
C PHE A 53 -3.65 0.08 -28.76
N THR A 54 -4.13 0.85 -27.81
CA THR A 54 -3.28 1.85 -27.18
C THR A 54 -3.08 1.54 -25.71
N GLU A 55 -3.83 0.57 -25.19
CA GLU A 55 -3.72 0.15 -23.78
C GLU A 55 -3.79 -1.37 -23.60
N LEU A 56 -2.69 -1.97 -23.18
CA LEU A 56 -2.66 -3.40 -22.94
C LEU A 56 -2.66 -3.62 -21.43
N ARG A 57 -2.78 -4.89 -21.04
CA ARG A 57 -2.71 -5.23 -19.64
C ARG A 57 -1.66 -6.32 -19.56
N GLY A 58 -0.56 -6.02 -18.86
CA GLY A 58 0.49 -7.00 -18.73
C GLY A 58 0.40 -7.67 -17.37
N GLU A 59 1.01 -8.84 -17.26
CA GLU A 59 1.06 -9.57 -16.01
C GLU A 59 2.35 -10.34 -15.94
N ILE A 60 3.08 -10.20 -14.83
CA ILE A 60 4.33 -10.93 -14.67
C ILE A 60 4.30 -11.71 -13.37
N ALA A 61 5.15 -12.72 -13.28
CA ALA A 61 5.22 -13.53 -12.09
C ALA A 61 6.39 -13.08 -11.24
N GLY A 62 6.20 -13.07 -9.94
CA GLY A 62 7.29 -12.68 -9.07
C GLY A 62 8.38 -13.69 -9.32
N PRO A 63 9.65 -13.25 -9.45
CA PRO A 63 10.73 -14.21 -9.70
C PRO A 63 10.92 -15.11 -8.49
N PRO A 64 11.37 -16.35 -8.70
CA PRO A 64 11.55 -17.20 -7.52
C PRO A 64 12.58 -16.57 -6.58
N ASP A 65 12.83 -17.19 -5.44
CA ASP A 65 13.78 -16.69 -4.45
C ASP A 65 13.73 -15.19 -4.17
N THR A 66 12.54 -14.64 -4.13
CA THR A 66 12.38 -13.23 -3.82
C THR A 66 11.06 -13.07 -3.10
N PRO A 67 10.95 -12.08 -2.21
CA PRO A 67 9.68 -11.94 -1.51
C PRO A 67 8.47 -11.88 -2.46
N TYR A 68 8.74 -11.66 -3.74
CA TYR A 68 7.67 -11.56 -4.74
C TYR A 68 7.23 -12.91 -5.26
N GLU A 69 8.03 -13.92 -4.94
CA GLU A 69 7.75 -15.30 -5.35
C GLU A 69 6.32 -15.68 -4.99
N GLY A 70 5.67 -16.38 -5.92
CA GLY A 70 4.30 -16.81 -5.71
C GLY A 70 3.31 -15.77 -6.19
N GLY A 71 3.72 -14.52 -6.21
CA GLY A 71 2.83 -13.45 -6.64
C GLY A 71 2.67 -13.29 -8.14
N ARG A 72 1.48 -12.80 -8.52
CA ARG A 72 1.08 -12.56 -9.90
C ARG A 72 0.69 -11.08 -9.94
N TYR A 73 1.51 -10.27 -10.59
CA TYR A 73 1.31 -8.83 -10.68
C TYR A 73 0.82 -8.25 -11.99
N GLN A 74 -0.17 -7.36 -11.93
CA GLN A 74 -0.73 -6.74 -13.14
C GLN A 74 -0.20 -5.33 -13.44
N LEU A 75 0.08 -5.09 -14.72
CA LEU A 75 0.63 -3.83 -15.18
C LEU A 75 -0.26 -3.13 -16.17
N GLU A 76 -0.38 -1.81 -16.02
CA GLU A 76 -1.16 -1.00 -16.94
C GLU A 76 -0.17 -0.48 -17.99
N ILE A 77 -0.32 -0.92 -19.24
CA ILE A 77 0.57 -0.47 -20.31
C ILE A 77 -0.15 0.42 -21.31
N LYS A 78 0.16 1.72 -21.28
CA LYS A 78 -0.48 2.60 -22.26
C LYS A 78 0.58 3.12 -23.21
N ILE A 79 0.18 3.34 -24.46
CA ILE A 79 1.06 3.84 -25.50
C ILE A 79 0.70 5.26 -25.88
N PRO A 80 1.66 6.18 -25.73
CA PRO A 80 1.40 7.58 -26.08
C PRO A 80 1.52 7.82 -27.59
N GLU A 81 1.16 9.02 -28.05
CA GLU A 81 1.22 9.33 -29.47
C GLU A 81 2.62 9.23 -30.09
N THR A 82 3.61 9.93 -29.54
CA THR A 82 4.98 9.83 -30.09
C THR A 82 5.48 8.55 -29.51
N TYR A 83 4.95 7.42 -29.96
CA TYR A 83 5.35 6.14 -29.37
C TYR A 83 6.78 5.66 -29.53
N PRO A 84 7.10 5.00 -30.64
CA PRO A 84 8.49 4.54 -30.71
C PRO A 84 9.52 5.41 -29.98
N PHE A 85 9.50 6.71 -30.26
CA PHE A 85 10.45 7.66 -29.69
C PHE A 85 10.32 7.95 -28.19
N ASN A 86 9.11 8.25 -27.72
CA ASN A 86 8.93 8.45 -26.29
C ASN A 86 8.45 7.07 -25.83
N PRO A 87 8.95 6.61 -24.68
CA PRO A 87 8.52 5.29 -24.21
C PRO A 87 7.07 5.22 -23.80
N PRO A 88 6.55 4.00 -23.66
CA PRO A 88 5.18 3.76 -23.27
C PRO A 88 5.11 3.98 -21.76
N LYS A 89 3.99 4.50 -21.26
CA LYS A 89 3.83 4.74 -19.83
C LYS A 89 3.32 3.46 -19.18
N VAL A 90 4.04 2.97 -18.18
CA VAL A 90 3.66 1.73 -17.50
C VAL A 90 3.46 1.94 -16.00
N ARG A 91 2.43 1.29 -15.45
CA ARG A 91 2.13 1.38 -14.02
C ARG A 91 1.83 0.00 -13.49
N PHE A 92 2.05 -0.19 -12.19
CA PHE A 92 1.77 -1.45 -11.55
C PHE A 92 0.35 -1.33 -11.00
N ILE A 93 -0.55 -2.17 -11.51
CA ILE A 93 -1.95 -2.16 -11.07
C ILE A 93 -2.02 -2.80 -9.70
N THR A 94 -1.52 -4.02 -9.61
CA THR A 94 -1.52 -4.75 -8.35
C THR A 94 -0.58 -4.08 -7.37
N LYS A 95 -1.03 -3.90 -6.12
CA LYS A 95 -0.22 -3.22 -5.13
C LYS A 95 1.04 -3.98 -4.74
N ILE A 96 2.16 -3.33 -5.03
CA ILE A 96 3.46 -3.90 -4.72
C ILE A 96 4.28 -2.98 -3.82
N TRP A 97 5.11 -3.56 -2.96
CA TRP A 97 5.98 -2.79 -2.04
C TRP A 97 7.38 -2.97 -2.54
N HIS A 98 7.93 -1.94 -3.16
CA HIS A 98 9.25 -2.03 -3.77
C HIS A 98 9.84 -0.64 -4.01
N PRO A 99 11.15 -0.48 -3.73
CA PRO A 99 11.88 0.78 -3.89
C PRO A 99 11.56 1.55 -5.18
N ASN A 100 11.44 0.82 -6.29
CA ASN A 100 11.16 1.45 -7.57
C ASN A 100 9.71 1.51 -7.99
N ILE A 101 8.76 1.28 -7.08
CA ILE A 101 7.35 1.39 -7.45
C ILE A 101 6.56 2.06 -6.32
N SER A 102 5.89 3.15 -6.66
CA SER A 102 5.09 3.89 -5.69
C SER A 102 4.17 2.92 -4.94
N SER A 103 4.35 2.82 -3.62
CA SER A 103 3.52 1.95 -2.82
C SER A 103 2.05 2.41 -2.77
N VAL A 104 1.72 3.52 -3.42
CA VAL A 104 0.31 3.97 -3.44
C VAL A 104 -0.20 4.55 -4.74
N THR A 105 0.46 4.25 -5.87
CA THR A 105 0.03 4.76 -7.17
C THR A 105 0.45 3.84 -8.31
N GLY A 106 1.46 3.00 -8.06
CA GLY A 106 1.95 2.11 -9.10
C GLY A 106 2.89 2.76 -10.11
N ALA A 107 3.28 4.01 -9.86
CA ALA A 107 4.21 4.69 -10.74
C ALA A 107 5.57 4.01 -10.60
N ILE A 108 6.17 3.72 -11.75
CA ILE A 108 7.45 3.08 -11.78
C ILE A 108 8.55 4.10 -12.06
N CYS A 109 9.78 3.78 -11.67
CA CYS A 109 10.94 4.62 -11.95
C CYS A 109 12.07 3.72 -12.42
N LEU A 110 12.24 3.68 -13.74
CA LEU A 110 13.27 2.89 -14.43
C LEU A 110 13.86 3.72 -15.56
N ASP A 111 15.18 3.67 -15.70
CA ASP A 111 15.84 4.42 -16.76
C ASP A 111 15.16 4.23 -18.10
N ILE A 112 15.04 2.98 -18.56
CA ILE A 112 14.42 2.74 -19.85
C ILE A 112 12.96 3.19 -20.00
N LEU A 113 12.24 3.35 -18.90
CA LEU A 113 10.84 3.78 -18.96
C LEU A 113 10.72 5.28 -18.86
N LYS A 114 11.86 5.94 -18.93
CA LYS A 114 11.95 7.38 -18.86
C LYS A 114 12.78 7.86 -20.05
N ASP A 115 13.99 8.30 -19.75
CA ASP A 115 14.90 8.85 -20.75
C ASP A 115 15.83 7.85 -21.43
N GLN A 116 16.38 6.91 -20.69
CA GLN A 116 17.28 5.91 -21.27
C GLN A 116 16.51 4.93 -22.15
N TRP A 117 15.33 5.35 -22.60
CA TRP A 117 14.50 4.51 -23.46
C TRP A 117 15.13 4.45 -24.83
N ALA A 118 14.76 3.46 -25.63
CA ALA A 118 15.34 3.34 -26.96
C ALA A 118 14.35 3.09 -28.08
N ALA A 119 14.86 3.29 -29.30
CA ALA A 119 14.12 3.11 -30.54
C ALA A 119 13.41 1.77 -30.56
N ALA A 120 14.19 0.72 -30.82
CA ALA A 120 13.63 -0.61 -30.89
C ALA A 120 13.58 -1.42 -29.60
N MET A 121 13.06 -0.84 -28.53
CA MET A 121 12.95 -1.61 -27.29
C MET A 121 11.59 -2.32 -27.38
N THR A 122 11.63 -3.63 -27.31
CA THR A 122 10.41 -4.41 -27.43
C THR A 122 9.63 -4.44 -26.13
N LEU A 123 8.32 -4.68 -26.23
CA LEU A 123 7.47 -4.82 -25.06
C LEU A 123 7.99 -5.98 -24.25
N ARG A 124 8.36 -7.05 -24.95
CA ARG A 124 8.91 -8.22 -24.29
C ARG A 124 10.18 -7.83 -23.50
N THR A 125 10.94 -6.85 -24.00
CA THR A 125 12.16 -6.37 -23.33
C THR A 125 11.79 -5.61 -22.06
N VAL A 126 10.63 -4.96 -22.09
CA VAL A 126 10.12 -4.19 -20.97
C VAL A 126 9.56 -5.13 -19.89
N LEU A 127 8.74 -6.10 -20.29
CA LEU A 127 8.17 -7.05 -19.32
C LEU A 127 9.23 -7.85 -18.62
N LEU A 128 10.27 -8.24 -19.34
CA LEU A 128 11.35 -9.00 -18.73
C LEU A 128 12.15 -8.09 -17.82
N SER A 129 12.33 -6.86 -18.27
CA SER A 129 13.10 -5.86 -17.52
C SER A 129 12.49 -5.63 -16.16
N LEU A 130 11.17 -5.47 -16.14
CA LEU A 130 10.46 -5.25 -14.87
C LEU A 130 10.57 -6.49 -13.99
N GLN A 131 10.51 -7.66 -14.61
CA GLN A 131 10.59 -8.90 -13.87
C GLN A 131 11.94 -8.95 -13.21
N ALA A 132 12.97 -8.60 -13.98
CA ALA A 132 14.33 -8.60 -13.47
C ALA A 132 14.43 -7.60 -12.33
N LEU A 133 13.79 -6.45 -12.50
CA LEU A 133 13.80 -5.43 -11.48
C LEU A 133 13.32 -6.03 -10.14
N LEU A 134 12.29 -6.88 -10.18
CA LEU A 134 11.79 -7.51 -8.96
C LEU A 134 12.87 -8.29 -8.21
N ALA A 135 13.82 -8.83 -8.95
CA ALA A 135 14.91 -9.61 -8.37
C ALA A 135 15.98 -8.76 -7.74
N ALA A 136 16.09 -7.51 -8.18
CA ALA A 136 17.10 -6.58 -7.68
C ALA A 136 16.72 -5.12 -7.88
N ALA A 137 16.22 -4.52 -6.83
CA ALA A 137 15.81 -3.13 -6.89
C ALA A 137 16.96 -2.17 -7.21
N GLU A 138 16.57 -0.95 -7.49
CA GLU A 138 17.51 0.10 -7.80
C GLU A 138 17.17 1.23 -6.84
N PRO A 139 17.56 1.06 -5.57
CA PRO A 139 17.37 1.94 -4.43
C PRO A 139 17.84 3.37 -4.58
N ASP A 140 18.95 3.55 -5.27
CA ASP A 140 19.52 4.88 -5.45
C ASP A 140 18.72 5.76 -6.41
N ASP A 141 17.93 5.11 -7.27
CA ASP A 141 17.09 5.83 -8.21
C ASP A 141 15.68 5.33 -7.91
N PRO A 142 15.22 5.55 -6.67
CA PRO A 142 13.91 5.15 -6.17
C PRO A 142 12.76 5.95 -6.76
N GLN A 143 11.57 5.57 -6.33
CA GLN A 143 10.33 6.20 -6.73
C GLN A 143 9.61 6.43 -5.43
N ASP A 144 9.85 5.52 -4.51
CA ASP A 144 9.21 5.58 -3.22
C ASP A 144 10.29 5.74 -2.15
N ALA A 145 10.44 6.96 -1.61
CA ALA A 145 11.45 7.21 -0.61
C ALA A 145 11.32 6.24 0.57
N VAL A 146 10.11 6.10 1.10
CA VAL A 146 9.84 5.21 2.23
C VAL A 146 10.32 3.78 2.01
N VAL A 147 9.96 3.18 0.88
CA VAL A 147 10.36 1.82 0.58
C VAL A 147 11.88 1.69 0.44
N ALA A 148 12.48 2.58 -0.35
CA ALA A 148 13.92 2.56 -0.59
C ALA A 148 14.69 2.65 0.72
N ASN A 149 14.19 3.47 1.64
CA ASN A 149 14.87 3.62 2.91
C ASN A 149 14.78 2.31 3.68
N GLN A 150 13.56 1.78 3.86
CA GLN A 150 13.40 0.54 4.61
C GLN A 150 14.24 -0.57 4.00
N TYR A 151 14.29 -0.61 2.68
CA TYR A 151 15.06 -1.60 1.95
C TYR A 151 16.59 -1.50 2.22
N LYS A 152 17.05 -0.35 2.70
CA LYS A 152 18.47 -0.15 2.99
C LYS A 152 18.81 -0.29 4.48
N GLN A 153 18.00 0.33 5.33
CA GLN A 153 18.22 0.31 6.76
C GLN A 153 17.66 -0.94 7.42
N ASN A 154 17.25 -1.93 6.62
CA ASN A 154 16.68 -3.13 7.23
C ASN A 154 16.23 -4.09 6.13
N PRO A 155 17.14 -4.45 5.23
CA PRO A 155 16.79 -5.36 4.14
C PRO A 155 15.97 -6.60 4.57
N GLU A 156 15.97 -6.91 5.86
CA GLU A 156 15.21 -8.05 6.32
C GLU A 156 13.76 -7.64 6.45
N MET A 157 13.52 -6.51 7.13
CA MET A 157 12.14 -6.03 7.31
C MET A 157 11.50 -5.81 5.95
N PHE A 158 12.23 -5.16 5.07
CA PHE A 158 11.73 -4.93 3.74
C PHE A 158 11.18 -6.24 3.15
N LYS A 159 12.01 -7.28 3.11
CA LYS A 159 11.63 -8.59 2.57
C LYS A 159 10.39 -9.17 3.24
N GLN A 160 10.39 -9.14 4.56
CA GLN A 160 9.25 -9.64 5.30
C GLN A 160 8.00 -8.83 4.93
N THR A 161 8.17 -7.52 4.73
CA THR A 161 7.08 -6.59 4.40
C THR A 161 6.55 -6.82 2.98
N ALA A 162 7.46 -7.10 2.05
CA ALA A 162 7.06 -7.37 0.68
C ALA A 162 6.38 -8.74 0.63
N ARG A 163 6.93 -9.74 1.33
CA ARG A 163 6.35 -11.09 1.36
C ARG A 163 4.85 -10.98 1.76
N LEU A 164 4.54 -10.02 2.62
CA LEU A 164 3.18 -9.78 3.06
C LEU A 164 2.37 -9.13 1.93
N TRP A 165 2.82 -7.95 1.50
CA TRP A 165 2.16 -7.22 0.42
C TRP A 165 1.85 -8.17 -0.73
N ALA A 166 2.82 -9.00 -1.09
CA ALA A 166 2.64 -9.99 -2.15
C ALA A 166 1.45 -10.90 -1.81
N HIS A 167 1.33 -11.26 -0.54
CA HIS A 167 0.25 -12.13 -0.10
C HIS A 167 -1.13 -11.46 -0.09
N VAL A 168 -1.24 -10.34 0.59
CA VAL A 168 -2.52 -9.64 0.65
C VAL A 168 -2.99 -9.10 -0.71
N TYR A 169 -2.06 -8.72 -1.59
CA TYR A 169 -2.43 -8.15 -2.89
C TYR A 169 -2.14 -8.96 -4.15
N ALA A 170 -1.12 -9.79 -4.11
CA ALA A 170 -0.74 -10.56 -5.30
C ALA A 170 -1.10 -12.03 -5.31
N GLY A 171 -1.78 -12.50 -4.28
CA GLY A 171 -2.15 -13.90 -4.25
C GLY A 171 -0.97 -14.82 -4.03
N ALA A 172 -0.01 -14.38 -3.24
CA ALA A 172 1.15 -15.20 -2.93
C ALA A 172 0.82 -16.01 -1.65
N PRO A 173 1.55 -17.12 -1.40
CA PRO A 173 1.34 -17.99 -0.22
C PRO A 173 1.50 -17.37 1.18
N VAL A 174 2.24 -18.06 2.04
CA VAL A 174 2.48 -17.64 3.43
C VAL A 174 3.00 -16.21 3.61
N SER A 175 2.61 -15.63 4.75
CA SER A 175 3.00 -14.27 5.17
C SER A 175 3.18 -14.27 6.70
N SER A 176 3.86 -13.24 7.18
CA SER A 176 4.16 -13.05 8.62
C SER A 176 2.90 -13.02 9.47
N PRO A 177 2.75 -13.99 10.39
CA PRO A 177 1.56 -14.00 11.23
C PRO A 177 1.69 -12.91 12.28
N GLU A 178 2.89 -12.35 12.39
CA GLU A 178 3.14 -11.29 13.37
C GLU A 178 2.51 -9.98 12.90
N TYR A 179 2.78 -9.62 11.64
CA TYR A 179 2.24 -8.39 11.09
C TYR A 179 0.71 -8.35 11.03
N THR A 180 0.10 -9.51 10.80
CA THR A 180 -1.35 -9.58 10.73
C THR A 180 -1.93 -9.16 12.07
N LYS A 181 -1.20 -9.47 13.13
CA LYS A 181 -1.59 -9.14 14.50
C LYS A 181 -1.61 -7.61 14.68
N LYS A 182 -0.59 -6.93 14.13
CA LYS A 182 -0.51 -5.48 14.25
C LYS A 182 -1.52 -4.78 13.33
N ILE A 183 -1.89 -5.41 12.22
CA ILE A 183 -2.87 -4.83 11.32
C ILE A 183 -4.25 -4.97 11.97
N GLU A 184 -4.37 -5.94 12.88
CA GLU A 184 -5.63 -6.15 13.56
C GLU A 184 -5.89 -5.07 14.60
N ASN A 185 -4.90 -4.81 15.45
CA ASN A 185 -5.05 -3.78 16.49
C ASN A 185 -5.45 -2.41 15.95
N LEU A 186 -5.02 -2.07 14.74
CA LEU A 186 -5.38 -0.75 14.22
C LEU A 186 -6.72 -0.78 13.53
N CYS A 187 -6.99 -1.83 12.77
CA CYS A 187 -8.26 -1.99 12.08
C CYS A 187 -9.40 -1.98 13.12
N ALA A 188 -9.07 -2.35 14.36
CA ALA A 188 -10.05 -2.36 15.44
C ALA A 188 -10.64 -0.97 15.66
N MET A 189 -9.78 0.05 15.58
CA MET A 189 -10.16 1.45 15.77
C MET A 189 -11.05 1.93 14.62
N GLY A 190 -11.23 1.08 13.63
CA GLY A 190 -12.08 1.41 12.49
C GLY A 190 -11.36 2.13 11.33
N PHE A 191 -10.12 1.75 11.05
CA PHE A 191 -9.36 2.35 9.95
C PHE A 191 -9.54 1.47 8.74
N ASP A 192 -9.27 2.01 7.56
CA ASP A 192 -9.40 1.25 6.33
C ASP A 192 -8.23 0.29 6.25
N ARG A 193 -8.44 -0.93 5.77
CA ARG A 193 -7.34 -1.88 5.74
C ARG A 193 -6.11 -1.34 5.02
N ASN A 194 -6.25 -1.04 3.73
CA ASN A 194 -5.15 -0.53 2.92
C ASN A 194 -4.35 0.56 3.64
N ALA A 195 -5.05 1.57 4.15
CA ALA A 195 -4.46 2.66 4.88
C ALA A 195 -3.62 2.11 6.02
N VAL A 196 -4.25 1.24 6.80
CA VAL A 196 -3.58 0.64 7.92
C VAL A 196 -2.28 0.03 7.48
N ILE A 197 -2.31 -0.75 6.40
CA ILE A 197 -1.10 -1.40 5.96
C ILE A 197 0.01 -0.43 5.53
N VAL A 198 -0.32 0.55 4.71
CA VAL A 198 0.69 1.49 4.27
C VAL A 198 1.31 2.21 5.47
N ALA A 199 0.51 2.49 6.50
CA ALA A 199 1.06 3.17 7.66
C ALA A 199 2.04 2.27 8.40
N LEU A 200 1.62 1.04 8.70
CA LEU A 200 2.48 0.09 9.40
C LEU A 200 3.76 -0.22 8.62
N SER A 201 3.66 -0.37 7.30
CA SER A 201 4.82 -0.65 6.46
C SER A 201 5.75 0.56 6.37
N SER A 202 5.15 1.76 6.31
CA SER A 202 5.93 2.99 6.21
C SER A 202 6.62 3.42 7.50
N LYS A 203 6.10 2.99 8.65
CA LYS A 203 6.69 3.38 9.92
C LYS A 203 7.43 2.26 10.64
N SER A 204 7.95 1.33 9.87
CA SER A 204 8.72 0.23 10.42
C SER A 204 7.95 -0.74 11.31
N TRP A 205 6.67 -0.87 11.03
CA TRP A 205 5.78 -1.78 11.75
C TRP A 205 5.72 -1.49 13.24
N ASP A 206 5.71 -0.20 13.54
CA ASP A 206 5.64 0.25 14.91
C ASP A 206 4.21 0.70 15.19
N VAL A 207 3.45 -0.18 15.82
CA VAL A 207 2.05 0.12 16.11
C VAL A 207 1.79 1.53 16.63
N GLU A 208 2.72 2.04 17.41
CA GLU A 208 2.54 3.38 17.95
C GLU A 208 2.81 4.46 16.91
N THR A 209 3.98 4.39 16.29
CA THR A 209 4.38 5.40 15.31
C THR A 209 3.63 5.39 13.97
N ALA A 210 2.87 4.34 13.72
CA ALA A 210 2.09 4.22 12.50
C ALA A 210 0.68 4.72 12.74
N THR A 211 0.21 4.55 13.96
CA THR A 211 -1.12 5.01 14.32
C THR A 211 -1.05 6.53 14.25
N GLU A 212 0.17 7.03 14.50
CA GLU A 212 0.52 8.45 14.47
C GLU A 212 0.23 8.97 13.06
N LEU A 213 0.97 8.43 12.09
CA LEU A 213 0.83 8.79 10.69
C LEU A 213 -0.64 8.75 10.27
N LEU A 214 -1.31 7.68 10.69
CA LEU A 214 -2.72 7.46 10.38
C LEU A 214 -3.58 8.66 10.71
N LEU A 215 -3.12 9.50 11.62
CA LEU A 215 -3.89 10.68 12.02
C LEU A 215 -3.20 11.96 11.55
N SER A 216 -3.29 12.26 10.26
CA SER A 216 -2.66 13.46 9.69
C SER A 216 -3.23 13.83 8.33
N MET B 4 -24.36 7.07 31.75
CA MET B 4 -24.16 5.86 30.98
C MET B 4 -22.69 5.50 31.01
N GLN B 5 -22.34 4.32 30.52
CA GLN B 5 -20.96 3.88 30.52
C GLN B 5 -20.44 3.58 29.12
N ILE B 6 -19.15 3.82 28.89
CA ILE B 6 -18.55 3.54 27.61
C ILE B 6 -17.21 2.90 27.97
N PHE B 7 -16.46 2.43 26.98
CA PHE B 7 -15.15 1.80 27.23
C PHE B 7 -14.04 2.48 26.44
N VAL B 8 -12.93 2.74 27.12
CA VAL B 8 -11.80 3.39 26.49
C VAL B 8 -10.69 2.37 26.39
N LYS B 9 -10.20 2.13 25.18
CA LYS B 9 -9.16 1.12 25.00
C LYS B 9 -7.87 1.72 24.45
N THR B 10 -6.77 1.43 25.13
CA THR B 10 -5.47 1.93 24.73
C THR B 10 -4.79 0.89 23.87
N LEU B 11 -3.62 1.25 23.35
CA LEU B 11 -2.85 0.35 22.52
C LEU B 11 -1.81 -0.51 23.26
N THR B 12 -1.98 -0.62 24.59
CA THR B 12 -1.13 -1.46 25.43
C THR B 12 -2.03 -2.62 25.86
N GLY B 13 -3.25 -2.61 25.34
CA GLY B 13 -4.22 -3.65 25.65
C GLY B 13 -5.23 -3.31 26.73
N LYS B 14 -4.80 -2.51 27.70
CA LYS B 14 -5.66 -2.13 28.82
C LYS B 14 -7.07 -1.70 28.36
N THR B 15 -8.12 -2.00 29.14
CA THR B 15 -9.52 -1.63 28.78
C THR B 15 -10.38 -1.24 30.00
N ILE B 16 -10.72 0.04 30.13
CA ILE B 16 -11.55 0.49 31.27
C ILE B 16 -12.97 0.89 30.88
N THR B 17 -13.87 0.90 31.87
CA THR B 17 -15.28 1.25 31.67
C THR B 17 -15.61 2.44 32.56
N LEU B 18 -15.79 3.63 31.98
CA LEU B 18 -16.08 4.78 32.83
C LEU B 18 -17.42 5.48 32.60
N GLU B 19 -17.96 6.02 33.69
CA GLU B 19 -19.23 6.73 33.66
C GLU B 19 -19.12 8.03 32.86
N VAL B 20 -20.07 8.24 31.96
CA VAL B 20 -20.09 9.43 31.14
C VAL B 20 -21.53 9.80 30.84
N GLU B 21 -21.72 10.99 30.28
CA GLU B 21 -23.03 11.50 29.91
C GLU B 21 -23.02 11.76 28.42
N PRO B 22 -24.12 11.46 27.72
CA PRO B 22 -24.17 11.68 26.27
C PRO B 22 -23.88 13.14 25.94
N SER B 23 -24.40 14.03 26.78
CA SER B 23 -24.22 15.47 26.61
C SER B 23 -22.75 15.86 26.81
N ASP B 24 -22.01 15.02 27.52
CA ASP B 24 -20.58 15.30 27.78
C ASP B 24 -19.80 15.65 26.52
N THR B 25 -18.95 16.67 26.59
CA THR B 25 -18.15 17.02 25.42
C THR B 25 -16.98 16.04 25.39
N ILE B 26 -16.09 16.19 24.42
CA ILE B 26 -14.96 15.30 24.32
C ILE B 26 -13.95 15.62 25.37
N GLU B 27 -13.79 16.91 25.69
CA GLU B 27 -12.80 17.31 26.68
C GLU B 27 -13.09 16.74 28.07
N ASN B 28 -14.35 16.81 28.53
CA ASN B 28 -14.62 16.27 29.86
C ASN B 28 -14.57 14.75 29.87
N VAL B 29 -14.75 14.10 28.72
CA VAL B 29 -14.62 12.65 28.72
C VAL B 29 -13.14 12.47 29.09
N LYS B 30 -12.28 13.24 28.42
CA LYS B 30 -10.83 13.20 28.70
C LYS B 30 -10.61 13.57 30.15
N ALA B 31 -11.33 14.60 30.58
CA ALA B 31 -11.27 15.03 31.95
C ALA B 31 -11.55 13.79 32.82
N LYS B 32 -12.65 13.09 32.52
CA LYS B 32 -13.00 11.91 33.29
C LYS B 32 -11.91 10.87 33.14
N ILE B 33 -11.32 10.75 31.96
CA ILE B 33 -10.26 9.76 31.81
C ILE B 33 -9.14 10.14 32.75
N GLN B 34 -8.87 11.43 32.84
CA GLN B 34 -7.83 11.91 33.74
C GLN B 34 -8.15 11.43 35.13
N ASP B 35 -9.30 11.87 35.66
CA ASP B 35 -9.76 11.48 36.99
C ASP B 35 -9.75 9.98 37.31
N LYS B 36 -9.88 9.14 36.30
CA LYS B 36 -9.91 7.70 36.53
C LYS B 36 -8.53 7.04 36.44
N GLU B 37 -7.71 7.44 35.48
CA GLU B 37 -6.41 6.82 35.32
C GLU B 37 -5.20 7.73 35.55
N GLY B 38 -5.44 9.03 35.70
CA GLY B 38 -4.37 9.98 35.95
C GLY B 38 -3.69 10.55 34.73
N ILE B 39 -4.19 10.20 33.55
CA ILE B 39 -3.59 10.70 32.32
C ILE B 39 -4.13 12.09 32.08
N PRO B 40 -3.25 13.06 31.79
CA PRO B 40 -3.73 14.43 31.55
C PRO B 40 -4.42 14.58 30.18
N PRO B 41 -5.64 15.17 30.15
CA PRO B 41 -6.32 15.32 28.87
C PRO B 41 -5.33 15.95 27.91
N ASP B 42 -4.49 16.79 28.48
CA ASP B 42 -3.45 17.50 27.75
C ASP B 42 -2.60 16.60 26.86
N GLN B 43 -2.73 15.29 27.03
CA GLN B 43 -1.99 14.36 26.21
C GLN B 43 -2.80 13.17 25.65
N GLN B 44 -4.13 13.27 25.54
CA GLN B 44 -4.93 12.13 25.08
C GLN B 44 -5.60 12.46 23.81
N ARG B 45 -5.68 11.44 22.98
CA ARG B 45 -6.36 11.55 21.71
C ARG B 45 -7.38 10.42 21.51
N LEU B 46 -8.67 10.75 21.38
CA LEU B 46 -9.69 9.72 21.29
C LEU B 46 -10.15 9.41 19.91
N ILE B 47 -10.05 8.14 19.55
CA ILE B 47 -10.39 7.73 18.23
C ILE B 47 -11.64 6.85 18.19
N PHE B 48 -12.50 7.15 17.23
CA PHE B 48 -13.69 6.38 17.01
C PHE B 48 -13.95 6.19 15.54
N ALA B 49 -13.94 4.94 15.10
CA ALA B 49 -14.20 4.62 13.70
C ALA B 49 -13.25 5.39 12.81
N GLY B 50 -11.95 5.23 13.07
CA GLY B 50 -10.93 5.89 12.26
C GLY B 50 -10.92 7.41 12.19
N LYS B 51 -11.45 8.05 13.22
CA LYS B 51 -11.48 9.50 13.26
C LYS B 51 -11.12 9.96 14.66
N GLN B 52 -10.43 11.09 14.74
CA GLN B 52 -10.08 11.61 16.03
C GLN B 52 -11.15 12.59 16.51
N LEU B 53 -12.01 12.15 17.43
CA LEU B 53 -13.07 13.02 17.94
C LEU B 53 -12.49 14.37 18.39
N GLU B 54 -12.99 15.45 17.79
CA GLU B 54 -12.52 16.80 18.13
C GLU B 54 -13.10 17.27 19.44
N ASP B 55 -12.22 17.79 20.30
CA ASP B 55 -12.59 18.27 21.62
C ASP B 55 -13.91 18.96 21.72
N GLY B 56 -14.32 19.58 20.62
CA GLY B 56 -15.58 20.32 20.61
C GLY B 56 -16.90 19.58 20.57
N ARG B 57 -16.98 18.47 19.87
CA ARG B 57 -18.26 17.78 19.80
C ARG B 57 -18.52 16.82 20.97
N THR B 58 -19.78 16.55 21.24
CA THR B 58 -20.14 15.66 22.33
C THR B 58 -20.22 14.22 21.88
N LEU B 59 -20.70 13.36 22.78
CA LEU B 59 -20.87 11.94 22.49
C LEU B 59 -22.07 11.69 21.59
N SER B 60 -23.22 12.30 21.92
CA SER B 60 -24.41 12.15 21.08
C SER B 60 -24.26 13.03 19.85
N ASP B 61 -23.53 14.13 20.00
CA ASP B 61 -23.28 15.05 18.91
C ASP B 61 -22.67 14.19 17.78
N TYR B 62 -21.84 13.24 18.19
CA TYR B 62 -21.15 12.30 17.29
C TYR B 62 -21.99 11.05 17.08
N ASN B 63 -23.06 10.92 17.86
CA ASN B 63 -23.95 9.78 17.73
C ASN B 63 -23.35 8.48 18.27
N ILE B 64 -22.59 8.59 19.35
CA ILE B 64 -21.97 7.44 20.00
C ILE B 64 -22.89 6.99 21.10
N GLN B 65 -23.64 5.92 20.82
CA GLN B 65 -24.58 5.36 21.79
C GLN B 65 -23.83 4.63 22.88
N LYS B 66 -24.47 4.50 24.04
CA LYS B 66 -23.88 3.86 25.19
C LYS B 66 -23.32 2.47 24.93
N GLU B 67 -22.32 2.10 25.71
CA GLU B 67 -21.63 0.83 25.61
C GLU B 67 -20.66 0.79 24.43
N SER B 68 -20.61 1.86 23.64
CA SER B 68 -19.69 1.94 22.49
C SER B 68 -18.24 2.00 22.96
N THR B 69 -17.30 1.70 22.07
CA THR B 69 -15.87 1.69 22.43
C THR B 69 -15.07 2.78 21.74
N LEU B 70 -14.28 3.52 22.52
CA LEU B 70 -13.46 4.59 21.98
C LEU B 70 -12.04 4.17 22.14
N HIS B 71 -11.16 4.66 21.29
CA HIS B 71 -9.76 4.28 21.43
C HIS B 71 -8.90 5.43 21.85
N LEU B 72 -8.00 5.17 22.79
CA LEU B 72 -7.11 6.19 23.31
C LEU B 72 -5.69 6.11 22.79
N VAL B 73 -5.22 7.16 22.15
CA VAL B 73 -3.86 7.16 21.63
C VAL B 73 -3.06 8.29 22.26
N LEU B 74 -2.25 7.94 23.27
CA LEU B 74 -1.43 8.93 23.98
C LEU B 74 -0.47 9.67 23.08
N ARG B 75 -0.47 11.00 23.19
CA ARG B 75 0.40 11.86 22.38
C ARG B 75 1.85 11.39 22.46
#